data_9VCA
#
_entry.id   9VCA
#
_cell.length_a   1.00
_cell.length_b   1.00
_cell.length_c   1.00
_cell.angle_alpha   90.00
_cell.angle_beta   90.00
_cell.angle_gamma   90.00
#
_symmetry.space_group_name_H-M   'P 1'
#
loop_
_entity.id
_entity.type
_entity.pdbx_description
1 polymer 'C-reactive protein'
2 polymer 'Monoclonal IgG antibody heavy chain fragment'
3 polymer 'Monoclonal IgG antibody light chain fragment'
#
loop_
_entity_poly.entity_id
_entity_poly.type
_entity_poly.pdbx_seq_one_letter_code
_entity_poly.pdbx_strand_id
1 'polypeptide(L)'
;QTDMSRKAFVFPKESDTSYVSLKAPLTKPLKAFTVCLHFYTELSSTRGYSIFSYATKRQDNEILIFWSKDIGYSFTVGGS
EILFEVPEVTVAPVHICTSWESASGIVEFWVDGKPRVRKSLKKGYTVGAEASIILGQEQDSFGGNFEGSQSLVGDIGNVN
MWDFVLSPDEINTIYLGGPFSPNVLNWRALKYEVQGEVFTKPQLWP
;
E
2 'polypeptide(L)'
;QVQLQQSGTELSKPGTGVKMSCKASGYTFISYWMHWVKQRPGQGLEWIGYINPSTDSTDYNQNFKDKATMTVDKSSTTAY
MQLSTITSEDSAVYFCARSHYLSWDFDVWGAGTTVTVSSAKTTPPSVYPLAPGSAAQTNSMVTLGCLVKGYFPEPVTVTW
NSGSLSSGVHTFPAVLQSDLYTLSSSVTVPSSTWPSETVTCNVAHPASSTKVDKKIVPRDCGCKPCICTVPEVSSVFIFP
PKPKDVLTITLTPKVTCVVVDISKDDPEVQFSWFVDDVEVHTAQTQPREEQFNSTFRSVSELPIMHQDWLNGKEFKCRVN
SAAFPAPIEKTISKTKGRPKAPQVYTIPPPKEQMAKDKVSLTCMITDFFPEDITVEWQWNGQPAENYKNTQPIMDTDGSY
FVYSKLNVQKSNWEAGNTFTCSVLHEGLHNHHTEKSLSHSPGK
;
H
3 'polypeptide(L)'
;DIVLTQSPASLAVSLGQRATISCRASQSVSTSGYSYIHWYQQKPGHPPKLLIKYASNLDSGVPARFSGSGSGTDFTLNIH
PVEEEDAATYFCQHSWELPLTFGAGTKLEIKRADAAPTVSIFPPSSEQLTSGGASVVCFLNNFYPKDINVKWKIDGSERQ
NGVLNSWTDQDSKDSTYSMSSTLTLTKDEYERHNSYTCEATHKTSTSPIVKSFNRNEC
;
L
#
# COMPACT_ATOMS: atom_id res chain seq x y z
N GLN A 1 11.07 -2.95 -10.74
CA GLN A 1 10.87 -3.33 -9.30
C GLN A 1 11.52 -4.68 -9.00
N THR A 2 11.89 -4.89 -7.74
CA THR A 2 12.40 -6.17 -7.26
C THR A 2 11.71 -6.56 -5.97
N ASP A 3 11.45 -7.85 -5.80
CA ASP A 3 10.96 -8.38 -4.53
C ASP A 3 12.15 -8.65 -3.62
N MET A 4 12.38 -7.72 -2.69
CA MET A 4 13.42 -7.83 -1.68
C MET A 4 12.98 -8.60 -0.45
N SER A 5 11.79 -9.21 -0.48
CA SER A 5 11.29 -9.91 0.68
C SER A 5 12.25 -11.00 1.13
N ARG A 6 12.49 -11.04 2.44
CA ARG A 6 13.44 -11.92 3.11
C ARG A 6 14.90 -11.72 2.70
N LYS A 7 15.22 -10.65 2.00
CA LYS A 7 16.60 -10.29 1.71
C LYS A 7 16.86 -8.94 2.35
N ALA A 8 18.13 -8.65 2.60
CA ALA A 8 18.50 -7.40 3.20
C ALA A 8 19.83 -6.94 2.63
N PHE A 9 20.03 -5.63 2.64
CA PHE A 9 21.27 -5.03 2.20
C PHE A 9 22.31 -5.08 3.32
N VAL A 10 23.48 -5.64 3.01
CA VAL A 10 24.51 -5.89 4.01
C VAL A 10 25.70 -4.99 3.73
N PHE A 11 26.11 -4.23 4.74
CA PHE A 11 27.15 -3.22 4.65
C PHE A 11 28.33 -3.64 5.52
N PRO A 12 29.24 -4.48 5.01
CA PRO A 12 30.24 -5.10 5.89
C PRO A 12 31.39 -4.20 6.32
N LYS A 13 31.63 -3.08 5.66
CA LYS A 13 32.81 -2.26 5.90
C LYS A 13 32.39 -0.82 6.11
N GLU A 14 33.15 -0.11 6.94
CA GLU A 14 32.99 1.33 7.03
C GLU A 14 33.57 2.00 5.80
N SER A 15 32.73 2.73 5.07
CA SER A 15 33.18 3.57 3.97
C SER A 15 32.16 4.68 3.76
N ASP A 16 32.59 5.71 3.04
CA ASP A 16 31.71 6.70 2.45
C ASP A 16 31.07 6.22 1.14
N THR A 17 31.55 5.14 0.55
CA THR A 17 31.25 4.81 -0.83
C THR A 17 30.17 3.74 -0.98
N SER A 18 29.88 2.97 0.07
CA SER A 18 28.85 1.95 0.04
C SER A 18 27.49 2.54 0.43
N TYR A 19 26.54 2.48 -0.49
CA TYR A 19 25.19 2.98 -0.23
C TYR A 19 24.26 2.29 -1.21
N VAL A 20 22.96 2.37 -0.92
CA VAL A 20 21.94 2.06 -1.91
C VAL A 20 20.89 3.16 -1.90
N SER A 21 20.61 3.71 -3.07
CA SER A 21 19.60 4.76 -3.25
C SER A 21 18.29 4.11 -3.66
N LEU A 22 17.22 4.51 -3.00
CA LEU A 22 15.88 4.00 -3.23
C LEU A 22 15.05 5.07 -3.93
N LYS A 23 14.35 4.67 -5.01
CA LYS A 23 13.55 5.60 -5.80
C LYS A 23 12.08 5.42 -5.45
N ALA A 24 11.43 6.53 -5.04
CA ALA A 24 10.05 6.52 -4.60
C ALA A 24 9.11 7.11 -5.65
N PRO A 25 7.91 6.55 -5.83
CA PRO A 25 6.94 7.16 -6.73
C PRO A 25 6.27 8.41 -6.17
N LEU A 26 7.02 9.25 -5.46
CA LEU A 26 6.48 10.49 -4.93
C LEU A 26 6.15 11.48 -6.05
N THR A 27 5.14 12.30 -5.78
CA THR A 27 4.80 13.42 -6.66
C THR A 27 4.48 14.67 -5.85
N LYS A 28 3.44 14.61 -5.03
CA LYS A 28 3.11 15.70 -4.11
C LYS A 28 4.03 15.67 -2.88
N PRO A 29 4.51 16.83 -2.43
CA PRO A 29 5.22 16.87 -1.14
C PRO A 29 4.41 16.27 0.00
N LEU A 30 5.12 15.60 0.90
CA LEU A 30 4.54 14.89 2.02
C LEU A 30 4.08 15.82 3.13
N LYS A 31 2.86 15.62 3.60
CA LYS A 31 2.34 16.24 4.81
C LYS A 31 2.47 15.33 6.03
N ALA A 32 2.75 14.04 5.81
CA ALA A 32 2.91 13.07 6.88
C ALA A 32 3.68 11.90 6.30
N PHE A 33 4.20 11.05 7.17
CA PHE A 33 4.79 9.80 6.69
C PHE A 33 4.88 8.79 7.83
N THR A 34 5.11 7.54 7.45
CA THR A 34 5.70 6.54 8.31
C THR A 34 6.84 5.87 7.56
N VAL A 35 7.97 5.66 8.24
CA VAL A 35 8.97 4.70 7.78
C VAL A 35 9.14 3.63 8.84
N CYS A 36 9.07 2.37 8.43
CA CYS A 36 9.38 1.22 9.27
C CYS A 36 10.58 0.48 8.68
N LEU A 37 11.48 0.03 9.55
CA LEU A 37 12.76 -0.53 9.15
C LEU A 37 13.08 -1.74 10.01
N HIS A 38 13.95 -2.60 9.49
CA HIS A 38 14.55 -3.68 10.25
C HIS A 38 16.05 -3.62 10.03
N PHE A 39 16.84 -3.61 11.11
CA PHE A 39 18.28 -3.55 10.92
C PHE A 39 19.01 -4.23 12.07
N TYR A 40 20.21 -4.74 11.78
CA TYR A 40 21.13 -5.27 12.78
C TYR A 40 22.47 -4.57 12.58
N THR A 41 23.01 -4.01 13.65
CA THR A 41 24.38 -3.50 13.63
C THR A 41 24.94 -3.57 15.05
N GLU A 42 26.26 -3.73 15.14
CA GLU A 42 26.96 -3.65 16.43
C GLU A 42 27.51 -2.27 16.72
N LEU A 43 27.34 -1.31 15.81
CA LEU A 43 28.02 -0.02 15.94
C LEU A 43 27.48 0.78 17.11
N SER A 44 26.26 0.48 17.57
CA SER A 44 25.56 1.34 18.53
C SER A 44 26.37 1.57 19.79
N SER A 45 27.21 0.61 20.18
CA SER A 45 28.09 0.78 21.33
C SER A 45 29.33 1.60 21.02
N THR A 46 29.65 1.84 19.75
CA THR A 46 30.95 2.36 19.36
C THR A 46 30.87 3.79 18.84
N ARG A 47 29.93 4.09 17.93
CA ARG A 47 29.82 5.42 17.37
C ARG A 47 28.41 5.62 16.82
N GLY A 48 28.11 6.85 16.46
CA GLY A 48 26.86 7.12 15.77
C GLY A 48 26.88 6.66 14.33
N TYR A 49 25.69 6.33 13.82
CA TYR A 49 25.56 5.87 12.45
C TYR A 49 24.16 6.17 11.91
N SER A 50 24.11 6.40 10.61
CA SER A 50 22.88 6.66 9.86
C SER A 50 22.06 5.41 9.64
N ILE A 51 20.81 5.42 10.09
CA ILE A 51 19.88 4.32 9.87
C ILE A 51 19.01 4.56 8.66
N PHE A 52 18.51 5.78 8.49
CA PHE A 52 17.68 6.14 7.35
C PHE A 52 17.92 7.60 7.05
N SER A 53 18.41 7.92 5.85
CA SER A 53 18.69 9.29 5.45
C SER A 53 17.81 9.67 4.27
N TYR A 54 17.03 10.73 4.46
CA TYR A 54 16.19 11.33 3.44
C TYR A 54 16.66 12.77 3.25
N ALA A 55 16.97 13.14 2.02
CA ALA A 55 17.49 14.46 1.71
C ALA A 55 16.77 15.05 0.50
N THR A 56 16.78 16.37 0.42
CA THR A 56 16.23 17.06 -0.74
C THR A 56 17.13 18.24 -1.08
N LYS A 57 16.98 18.72 -2.32
CA LYS A 57 17.87 19.74 -2.85
C LYS A 57 17.92 20.97 -1.94
N ARG A 58 16.80 21.33 -1.33
CA ARG A 58 16.73 22.46 -0.42
C ARG A 58 17.14 22.13 1.01
N GLN A 59 17.20 20.85 1.37
CA GLN A 59 17.47 20.46 2.75
C GLN A 59 18.01 19.03 2.72
N ASP A 60 19.33 18.90 2.80
CA ASP A 60 19.93 17.67 3.26
C ASP A 60 19.44 17.39 4.68
N ASN A 61 19.28 16.12 5.01
CA ASN A 61 18.75 15.75 6.32
C ASN A 61 17.31 16.23 6.46
N GLU A 62 16.48 15.81 5.50
CA GLU A 62 15.08 16.20 5.39
C GLU A 62 14.17 15.25 6.17
N ILE A 63 14.48 13.96 6.14
CA ILE A 63 14.12 13.03 7.19
C ILE A 63 15.39 12.26 7.51
N LEU A 64 15.70 12.14 8.79
CA LEU A 64 16.81 11.29 9.19
C LEU A 64 16.45 10.55 10.45
N ILE A 65 16.77 9.26 10.46
CA ILE A 65 16.83 8.45 11.67
C ILE A 65 18.30 8.14 11.90
N PHE A 66 18.77 8.39 13.12
CA PHE A 66 20.19 8.27 13.43
C PHE A 66 20.32 7.65 14.81
N TRP A 67 21.48 7.07 15.07
CA TRP A 67 21.85 6.62 16.40
C TRP A 67 23.01 7.49 16.90
N SER A 68 22.86 8.06 18.09
CA SER A 68 23.90 8.83 18.74
C SER A 68 24.47 8.04 19.92
N LYS A 69 25.79 7.83 19.89
CA LYS A 69 26.43 6.83 20.74
C LYS A 69 25.97 6.89 22.19
N ASP A 70 26.11 8.06 22.81
CA ASP A 70 25.85 8.25 24.24
C ASP A 70 24.39 8.53 24.57
N ILE A 71 23.51 8.62 23.57
CA ILE A 71 22.18 9.18 23.76
C ILE A 71 21.09 8.20 23.35
N GLY A 72 21.26 7.50 22.25
CA GLY A 72 20.24 6.63 21.70
C GLY A 72 19.79 7.11 20.32
N TYR A 73 18.51 6.88 20.03
CA TYR A 73 17.97 7.30 18.75
C TYR A 73 17.84 8.80 18.68
N SER A 74 17.90 9.32 17.45
CA SER A 74 17.42 10.66 17.18
C SER A 74 16.65 10.64 15.87
N PHE A 75 15.74 11.60 15.75
CA PHE A 75 14.85 11.72 14.61
C PHE A 75 14.92 13.16 14.13
N THR A 76 15.00 13.36 12.83
CA THR A 76 15.05 14.70 12.28
C THR A 76 14.08 14.80 11.12
N VAL A 77 13.35 15.92 11.08
CA VAL A 77 12.66 16.37 9.87
C VAL A 77 12.97 17.84 9.69
N GLY A 78 13.08 18.26 8.43
CA GLY A 78 13.32 19.64 8.10
C GLY A 78 14.55 20.22 8.79
N GLY A 79 15.59 19.42 8.97
CA GLY A 79 16.80 19.91 9.60
C GLY A 79 16.71 20.17 11.08
N SER A 80 15.67 19.68 11.76
CA SER A 80 15.53 19.86 13.20
C SER A 80 15.32 18.50 13.87
N GLU A 81 15.99 18.31 15.01
CA GLU A 81 16.20 16.99 15.58
C GLU A 81 15.47 16.88 16.92
N ILE A 82 14.92 15.70 17.19
CA ILE A 82 14.51 15.32 18.54
C ILE A 82 15.17 14.00 18.91
N LEU A 83 15.48 13.87 20.19
CA LEU A 83 16.08 12.67 20.75
C LEU A 83 15.01 11.69 21.21
N PHE A 84 15.32 10.40 21.12
CA PHE A 84 14.53 9.35 21.75
C PHE A 84 15.49 8.51 22.58
N GLU A 85 15.71 8.94 23.82
CA GLU A 85 16.82 8.40 24.60
C GLU A 85 16.66 6.91 24.86
N VAL A 86 17.74 6.18 24.65
CA VAL A 86 17.82 4.74 24.92
C VAL A 86 19.21 4.49 25.50
N PRO A 87 19.38 4.61 26.82
CA PRO A 87 20.73 4.57 27.38
C PRO A 87 21.31 3.18 27.51
N GLU A 88 20.48 2.17 27.76
CA GLU A 88 20.90 0.78 27.74
C GLU A 88 20.38 0.10 26.50
N VAL A 89 21.27 -0.55 25.75
CA VAL A 89 20.96 -1.11 24.44
C VAL A 89 21.59 -2.48 24.32
N THR A 90 20.95 -3.35 23.53
CA THR A 90 21.41 -4.72 23.31
C THR A 90 21.51 -4.97 21.82
N VAL A 91 22.47 -5.84 21.46
CA VAL A 91 22.77 -6.13 20.07
C VAL A 91 21.89 -7.29 19.59
N ALA A 92 20.97 -6.98 18.70
CA ALA A 92 20.01 -7.90 18.12
C ALA A 92 19.45 -7.14 16.92
N PRO A 93 18.74 -7.78 15.99
CA PRO A 93 18.04 -6.99 14.96
C PRO A 93 16.89 -6.21 15.57
N VAL A 94 16.89 -4.90 15.31
CA VAL A 94 15.88 -3.99 15.84
C VAL A 94 14.96 -3.59 14.71
N HIS A 95 13.66 -3.75 14.92
CA HIS A 95 12.67 -3.15 14.05
C HIS A 95 12.25 -1.83 14.68
N ILE A 96 12.05 -0.81 13.84
CA ILE A 96 11.52 0.46 14.31
C ILE A 96 10.49 0.93 13.30
N CYS A 97 9.57 1.78 13.79
CA CYS A 97 8.81 2.70 12.96
C CYS A 97 8.96 4.10 13.52
N THR A 98 9.11 5.06 12.63
CA THR A 98 8.87 6.46 12.93
C THR A 98 7.69 6.96 12.11
N SER A 99 6.94 7.87 12.68
CA SER A 99 5.88 8.54 11.95
C SER A 99 5.79 9.98 12.43
N TRP A 100 5.38 10.84 11.53
CA TRP A 100 5.33 12.27 11.81
C TRP A 100 4.17 12.86 11.03
N GLU A 101 3.63 13.94 11.56
CA GLU A 101 2.45 14.57 10.98
C GLU A 101 2.60 16.07 11.03
N SER A 102 2.38 16.73 9.89
CA SER A 102 2.49 18.18 9.82
C SER A 102 1.37 18.88 10.59
N ALA A 103 0.16 18.32 10.56
CA ALA A 103 -0.97 18.98 11.21
C ALA A 103 -0.77 19.08 12.71
N SER A 104 -0.16 18.07 13.33
CA SER A 104 0.06 18.07 14.76
C SER A 104 1.50 18.32 15.16
N GLY A 105 2.46 18.04 14.30
CA GLY A 105 3.86 17.97 14.69
C GLY A 105 4.22 16.77 15.52
N ILE A 106 3.27 15.88 15.79
CA ILE A 106 3.50 14.79 16.72
C ILE A 106 4.40 13.76 16.06
N VAL A 107 5.46 13.38 16.74
CA VAL A 107 6.33 12.28 16.32
C VAL A 107 6.05 11.07 17.20
N GLU A 108 5.76 9.95 16.56
CA GLU A 108 5.74 8.65 17.21
C GLU A 108 6.98 7.89 16.78
N PHE A 109 7.67 7.29 17.73
CA PHE A 109 8.79 6.39 17.43
C PHE A 109 8.52 5.06 18.13
N TRP A 110 8.45 4.00 17.35
CA TRP A 110 8.18 2.64 17.84
C TRP A 110 9.44 1.81 17.71
N VAL A 111 9.82 1.13 18.79
CA VAL A 111 11.01 0.29 18.80
C VAL A 111 10.64 -1.12 19.18
N ASP A 112 10.95 -2.07 18.29
CA ASP A 112 10.64 -3.47 18.50
C ASP A 112 9.20 -3.66 18.96
N GLY A 113 8.28 -2.97 18.29
CA GLY A 113 6.87 -3.13 18.55
C GLY A 113 6.30 -2.41 19.75
N LYS A 114 7.06 -1.53 20.40
CA LYS A 114 6.51 -0.71 21.46
C LYS A 114 6.74 0.77 21.17
N PRO A 115 5.76 1.63 21.42
CA PRO A 115 5.96 3.06 21.19
C PRO A 115 6.86 3.66 22.26
N ARG A 116 7.66 4.64 21.83
CA ARG A 116 8.18 5.62 22.74
C ARG A 116 7.12 6.69 23.01
N VAL A 117 7.46 7.63 23.89
CA VAL A 117 6.58 8.77 24.13
C VAL A 117 6.34 9.52 22.83
N ARG A 118 5.09 9.94 22.63
CA ARG A 118 4.77 10.75 21.46
C ARG A 118 5.34 12.15 21.68
N LYS A 119 6.24 12.58 20.80
CA LYS A 119 6.94 13.85 20.90
C LYS A 119 6.37 14.86 19.88
N SER A 120 7.01 16.04 19.78
CA SER A 120 6.57 17.09 18.85
C SER A 120 7.74 17.66 18.06
N LEU A 121 7.59 17.80 16.74
CA LEU A 121 8.65 18.32 15.89
C LEU A 121 8.10 18.82 14.56
N LYS A 122 8.54 20.02 14.15
CA LYS A 122 8.28 20.58 12.82
C LYS A 122 6.80 20.59 12.44
N LYS A 123 5.96 20.97 13.38
CA LYS A 123 4.55 21.22 13.07
C LYS A 123 4.44 22.22 11.92
N GLY A 124 3.63 21.87 10.91
CA GLY A 124 3.43 22.73 9.76
C GLY A 124 4.45 22.64 8.64
N TYR A 125 5.51 21.85 8.79
CA TYR A 125 6.48 21.72 7.72
C TYR A 125 5.88 20.94 6.55
N THR A 126 6.55 21.00 5.40
CA THR A 126 6.21 20.20 4.23
C THR A 126 7.49 19.61 3.67
N VAL A 127 7.45 18.31 3.38
CA VAL A 127 8.64 17.55 2.99
C VAL A 127 8.73 17.42 1.48
N GLY A 128 9.90 17.77 0.94
CA GLY A 128 10.05 17.82 -0.50
C GLY A 128 9.87 16.46 -1.14
N ALA A 129 9.23 16.43 -2.30
CA ALA A 129 9.03 15.20 -3.04
C ALA A 129 10.24 14.80 -3.91
N GLU A 130 11.09 15.74 -4.29
CA GLU A 130 12.38 15.42 -4.92
C GLU A 130 13.36 14.93 -3.86
N ALA A 131 13.16 13.69 -3.43
CA ALA A 131 13.90 13.09 -2.33
C ALA A 131 14.99 12.17 -2.85
N SER A 132 16.21 12.38 -2.37
CA SER A 132 17.24 11.34 -2.39
C SER A 132 17.18 10.55 -1.09
N ILE A 133 16.59 9.36 -1.16
CA ILE A 133 16.57 8.42 -0.04
C ILE A 133 17.79 7.52 -0.16
N ILE A 134 18.62 7.48 0.89
CA ILE A 134 19.85 6.70 0.89
C ILE A 134 19.88 5.80 2.11
N LEU A 135 20.23 4.54 1.89
CA LEU A 135 20.50 3.56 2.93
C LEU A 135 22.00 3.29 3.02
N GLY A 136 22.53 3.25 4.23
CA GLY A 136 23.94 3.00 4.44
C GLY A 136 24.77 4.24 4.73
N GLN A 137 24.26 5.43 4.42
CA GLN A 137 25.02 6.65 4.57
C GLN A 137 24.12 7.76 5.10
N GLU A 138 24.75 8.79 5.65
CA GLU A 138 24.12 10.08 5.89
C GLU A 138 24.61 11.08 4.86
N GLN A 139 23.68 11.89 4.36
CA GLN A 139 23.93 12.80 3.25
C GLN A 139 24.18 14.20 3.79
N ASP A 140 25.33 14.77 3.46
CA ASP A 140 25.54 16.20 3.60
C ASP A 140 25.07 16.99 2.39
N SER A 141 24.70 16.30 1.30
CA SER A 141 24.20 16.95 0.11
C SER A 141 23.28 15.99 -0.61
N PHE A 142 22.40 16.55 -1.45
CA PHE A 142 21.45 15.74 -2.20
C PHE A 142 22.15 14.64 -2.97
N GLY A 143 21.93 13.39 -2.56
CA GLY A 143 22.50 12.24 -3.23
C GLY A 143 23.98 11.99 -3.01
N GLY A 144 24.61 12.63 -2.04
CA GLY A 144 26.04 12.45 -1.89
C GLY A 144 26.61 13.15 -0.68
N ASN A 145 27.90 13.46 -0.77
CA ASN A 145 28.66 14.10 0.30
C ASN A 145 28.66 13.26 1.58
N PHE A 146 28.76 11.93 1.43
CA PHE A 146 28.69 11.03 2.56
C PHE A 146 29.89 11.21 3.49
N GLU A 147 29.67 10.93 4.78
CA GLU A 147 30.75 10.83 5.76
C GLU A 147 30.90 9.39 6.21
N GLY A 148 32.10 8.83 6.03
CA GLY A 148 32.35 7.44 6.36
C GLY A 148 32.13 7.10 7.83
N SER A 149 32.49 8.03 8.72
CA SER A 149 32.24 7.85 10.15
C SER A 149 30.76 7.92 10.52
N GLN A 150 29.86 8.22 9.59
CA GLN A 150 28.43 8.12 9.85
C GLN A 150 27.75 6.98 9.11
N SER A 151 28.47 6.28 8.22
CA SER A 151 27.89 5.16 7.49
C SER A 151 27.44 4.06 8.46
N LEU A 152 26.43 3.30 8.03
CA LEU A 152 26.06 2.06 8.69
C LEU A 152 27.00 0.93 8.29
N VAL A 153 27.47 0.17 9.27
CA VAL A 153 28.06 -1.15 9.07
C VAL A 153 27.11 -2.18 9.68
N GLY A 154 26.60 -3.07 8.86
CA GLY A 154 25.54 -3.95 9.32
C GLY A 154 24.63 -4.36 8.18
N ASP A 155 23.33 -4.45 8.49
CA ASP A 155 22.37 -5.20 7.69
C ASP A 155 21.00 -4.53 7.86
N ILE A 156 20.39 -4.11 6.76
CA ILE A 156 19.16 -3.31 6.80
C ILE A 156 18.17 -3.81 5.76
N GLY A 157 16.90 -3.89 6.13
CA GLY A 157 15.90 -4.37 5.22
C GLY A 157 14.50 -4.11 5.71
N ASN A 158 13.54 -4.73 5.03
CA ASN A 158 12.11 -4.54 5.28
C ASN A 158 11.75 -3.05 5.44
N VAL A 159 12.41 -2.20 4.67
CA VAL A 159 12.16 -0.77 4.70
C VAL A 159 10.87 -0.45 3.93
N ASN A 160 9.88 0.06 4.64
CA ASN A 160 8.58 0.40 4.05
C ASN A 160 8.25 1.84 4.42
N MET A 161 7.55 2.54 3.53
CA MET A 161 7.17 3.91 3.78
C MET A 161 5.75 4.17 3.34
N TRP A 162 5.05 4.98 4.13
CA TRP A 162 3.68 5.40 3.88
C TRP A 162 3.61 6.91 3.81
N ASP A 163 2.63 7.39 3.05
CA ASP A 163 2.28 8.80 3.00
C ASP A 163 1.62 9.28 4.28
N PHE A 164 1.44 8.44 5.29
CA PHE A 164 0.57 8.77 6.42
C PHE A 164 1.08 8.10 7.70
N VAL A 165 0.68 8.66 8.83
CA VAL A 165 0.94 8.11 10.16
C VAL A 165 0.06 6.89 10.38
N LEU A 166 0.67 5.72 10.51
CA LEU A 166 -0.05 4.50 10.83
C LEU A 166 -0.63 4.54 12.24
N SER A 167 -1.71 3.78 12.43
CA SER A 167 -2.25 3.53 13.75
C SER A 167 -1.36 2.61 14.56
N PRO A 168 -1.45 2.67 15.89
CA PRO A 168 -0.94 1.56 16.71
C PRO A 168 -1.36 0.18 16.24
N ASP A 169 -2.61 0.00 15.82
CA ASP A 169 -3.05 -1.31 15.35
C ASP A 169 -2.31 -1.71 14.09
N GLU A 170 -2.01 -0.74 13.24
CA GLU A 170 -1.37 -1.00 11.97
C GLU A 170 0.12 -1.21 12.16
N ILE A 171 0.75 -0.41 13.01
CA ILE A 171 2.13 -0.65 13.39
C ILE A 171 2.29 -2.04 14.01
N ASN A 172 1.33 -2.46 14.83
CA ASN A 172 1.39 -3.82 15.38
C ASN A 172 1.24 -4.90 14.31
N THR A 173 0.33 -4.71 13.36
CA THR A 173 0.24 -5.65 12.24
C THR A 173 1.54 -5.74 11.45
N ILE A 174 2.21 -4.61 11.23
CA ILE A 174 3.47 -4.60 10.51
C ILE A 174 4.59 -5.26 11.30
N TYR A 175 4.67 -4.96 12.60
CA TYR A 175 5.66 -5.59 13.46
C TYR A 175 5.51 -7.10 13.49
N LEU A 176 4.29 -7.60 13.61
CA LEU A 176 4.05 -9.04 13.59
C LEU A 176 4.16 -9.63 12.19
N GLY A 177 4.42 -8.83 11.18
CA GLY A 177 4.66 -9.36 9.85
C GLY A 177 3.45 -9.91 9.15
N GLY A 178 2.26 -9.47 9.55
CA GLY A 178 1.07 -9.71 8.79
C GLY A 178 1.15 -9.02 7.44
N PRO A 179 0.17 -9.28 6.57
CA PRO A 179 0.20 -8.67 5.23
C PRO A 179 -0.24 -7.20 5.27
N PHE A 180 0.59 -6.34 4.67
CA PHE A 180 0.30 -4.92 4.52
C PHE A 180 0.85 -4.45 3.19
N SER A 181 0.33 -3.33 2.69
CA SER A 181 0.87 -2.69 1.50
C SER A 181 1.21 -1.22 1.75
N PRO A 182 2.48 -0.83 1.66
CA PRO A 182 2.82 0.59 1.74
C PRO A 182 2.55 1.30 0.43
N ASN A 183 2.22 2.58 0.53
CA ASN A 183 1.82 3.37 -0.62
C ASN A 183 2.86 4.39 -1.08
N VAL A 184 4.00 4.50 -0.39
CA VAL A 184 5.07 5.40 -0.83
C VAL A 184 6.37 4.67 -1.08
N LEU A 185 6.63 3.61 -0.32
CA LEU A 185 7.83 2.80 -0.55
C LEU A 185 7.56 1.37 -0.10
N ASN A 186 7.67 0.43 -1.03
CA ASN A 186 7.19 -0.94 -0.84
C ASN A 186 8.35 -1.89 -1.07
N TRP A 187 8.70 -2.66 -0.03
CA TRP A 187 9.88 -3.51 -0.06
C TRP A 187 9.79 -4.65 -1.08
N ARG A 188 8.58 -5.12 -1.38
CA ARG A 188 8.37 -6.18 -2.35
C ARG A 188 8.40 -5.68 -3.79
N ALA A 189 8.32 -4.37 -3.99
CA ALA A 189 8.19 -3.72 -5.27
C ALA A 189 9.21 -2.60 -5.38
N LEU A 190 10.40 -2.85 -4.86
CA LEU A 190 11.39 -1.80 -4.62
C LEU A 190 12.11 -1.41 -5.91
N LYS A 191 12.43 -0.11 -6.00
CA LYS A 191 13.22 0.46 -7.08
C LYS A 191 14.45 1.10 -6.44
N TYR A 192 15.63 0.58 -6.78
CA TYR A 192 16.84 0.93 -6.05
C TYR A 192 18.08 0.81 -6.92
N GLU A 193 19.14 1.46 -6.46
CA GLU A 193 20.43 1.51 -7.17
C GLU A 193 21.55 1.36 -6.15
N VAL A 194 22.19 0.21 -6.14
CA VAL A 194 23.26 -0.12 -5.22
C VAL A 194 24.57 0.41 -5.78
N GLN A 195 25.41 0.96 -4.92
CA GLN A 195 26.75 1.37 -5.29
C GLN A 195 27.73 1.03 -4.18
N GLY A 196 29.00 0.90 -4.58
CA GLY A 196 30.05 0.40 -3.73
C GLY A 196 29.90 -1.09 -3.44
N GLU A 197 30.71 -1.55 -2.49
CA GLU A 197 30.64 -2.92 -2.00
C GLU A 197 29.44 -3.08 -1.07
N VAL A 198 28.28 -3.29 -1.67
CA VAL A 198 27.07 -3.66 -0.95
C VAL A 198 26.57 -4.97 -1.53
N PHE A 199 26.04 -5.84 -0.68
CA PHE A 199 25.58 -7.15 -1.10
C PHE A 199 24.14 -7.33 -0.66
N THR A 200 23.38 -8.10 -1.45
CA THR A 200 22.03 -8.53 -1.11
C THR A 200 22.06 -9.99 -0.71
N LYS A 201 21.68 -10.25 0.53
CA LYS A 201 21.82 -11.57 1.13
C LYS A 201 20.59 -11.86 1.97
N PRO A 202 20.32 -13.13 2.25
CA PRO A 202 19.12 -13.45 3.03
C PRO A 202 19.18 -12.88 4.44
N GLN A 203 18.03 -12.44 4.92
CA GLN A 203 17.95 -11.67 6.15
C GLN A 203 18.22 -12.52 7.40
N LEU A 204 18.80 -11.87 8.41
CA LEU A 204 19.09 -12.53 9.67
C LEU A 204 17.89 -12.63 10.58
N TRP A 205 16.95 -11.75 10.44
CA TRP A 205 15.82 -11.73 11.35
C TRP A 205 14.65 -12.55 10.83
N PRO A 206 13.84 -13.12 11.75
CA PRO A 206 12.61 -13.83 11.39
C PRO A 206 11.70 -13.05 10.46
N GLN B 1 -26.07 0.79 9.64
CA GLN B 1 -25.01 -0.19 9.25
C GLN B 1 -23.95 0.45 8.37
N VAL B 2 -22.78 -0.18 8.31
CA VAL B 2 -21.76 0.19 7.34
C VAL B 2 -22.35 0.08 5.95
N GLN B 3 -22.34 1.18 5.20
CA GLN B 3 -22.80 1.14 3.83
C GLN B 3 -22.17 2.28 3.04
N LEU B 4 -22.17 2.12 1.73
CA LEU B 4 -21.84 3.19 0.79
C LEU B 4 -23.06 3.46 -0.09
N GLN B 5 -23.56 4.69 -0.07
CA GLN B 5 -24.68 5.08 -0.90
C GLN B 5 -24.19 6.08 -1.95
N GLN B 6 -24.35 5.74 -3.23
CA GLN B 6 -23.95 6.60 -4.35
C GLN B 6 -25.12 7.43 -4.88
N SER B 7 -24.78 8.41 -5.74
CA SER B 7 -25.69 9.45 -6.21
C SER B 7 -26.69 9.01 -7.29
N GLY B 8 -26.58 7.83 -7.87
CA GLY B 8 -27.51 7.40 -8.89
C GLY B 8 -27.23 7.92 -10.30
N THR B 9 -27.89 7.28 -11.27
CA THR B 9 -27.53 7.39 -12.68
C THR B 9 -27.44 8.83 -13.16
N GLU B 10 -26.33 9.14 -13.83
CA GLU B 10 -26.10 10.44 -14.47
C GLU B 10 -26.20 10.28 -15.98
N LEU B 11 -26.99 11.13 -16.62
CA LEU B 11 -27.08 11.23 -18.07
C LEU B 11 -26.35 12.47 -18.54
N SER B 12 -25.40 12.31 -19.47
CA SER B 12 -24.60 13.44 -19.91
C SER B 12 -24.12 13.26 -21.34
N LYS B 13 -23.80 14.38 -21.96
CA LYS B 13 -23.43 14.53 -23.36
C LYS B 13 -21.93 14.49 -23.57
N PRO B 14 -21.47 14.18 -24.77
CA PRO B 14 -20.06 14.38 -25.10
C PRO B 14 -19.60 15.77 -24.72
N GLY B 15 -18.38 15.85 -24.21
CA GLY B 15 -17.77 17.12 -23.83
C GLY B 15 -18.25 17.71 -22.53
N THR B 16 -19.17 17.06 -21.82
CA THR B 16 -19.50 17.51 -20.48
C THR B 16 -18.59 16.82 -19.47
N GLY B 17 -18.81 17.13 -18.20
CA GLY B 17 -18.16 16.42 -17.11
C GLY B 17 -19.17 16.17 -16.01
N VAL B 18 -18.97 15.05 -15.32
CA VAL B 18 -19.89 14.63 -14.26
C VAL B 18 -19.12 14.41 -12.99
N LYS B 19 -19.77 14.70 -11.87
CA LYS B 19 -19.23 14.44 -10.54
C LYS B 19 -20.24 13.58 -9.78
N MET B 20 -19.86 12.35 -9.47
CA MET B 20 -20.71 11.41 -8.78
C MET B 20 -20.18 11.23 -7.36
N SER B 21 -21.10 11.09 -6.41
CA SER B 21 -20.77 11.02 -5.01
C SER B 21 -20.87 9.59 -4.49
N CYS B 22 -20.33 9.40 -3.28
CA CYS B 22 -20.32 8.13 -2.57
C CYS B 22 -20.34 8.47 -1.08
N LYS B 23 -21.54 8.57 -0.54
CA LYS B 23 -21.72 8.78 0.89
C LYS B 23 -21.38 7.49 1.64
N ALA B 24 -20.33 7.55 2.46
CA ALA B 24 -20.08 6.53 3.46
C ALA B 24 -20.88 6.80 4.72
N SER B 25 -21.34 5.73 5.38
CA SER B 25 -22.12 5.85 6.60
C SER B 25 -21.84 4.68 7.52
N GLY B 26 -22.00 4.92 8.82
CA GLY B 26 -21.91 3.87 9.82
C GLY B 26 -20.52 3.45 10.24
N TYR B 27 -19.48 4.20 9.88
CA TYR B 27 -18.13 3.85 10.28
C TYR B 27 -17.32 5.15 10.34
N THR B 28 -16.11 5.05 10.91
CA THR B 28 -15.18 6.17 10.90
C THR B 28 -14.55 6.32 9.53
N PHE B 29 -15.00 7.35 8.80
CA PHE B 29 -14.62 7.57 7.42
C PHE B 29 -13.11 7.74 7.26
N ILE B 30 -12.44 8.27 8.28
CA ILE B 30 -11.01 8.55 8.21
C ILE B 30 -10.16 7.28 8.18
N SER B 31 -10.64 6.20 8.78
CA SER B 31 -9.81 5.01 8.98
C SER B 31 -9.65 4.13 7.75
N TYR B 32 -10.20 4.53 6.60
CA TYR B 32 -10.26 3.67 5.43
C TYR B 32 -9.95 4.48 4.20
N TRP B 33 -9.41 3.82 3.18
CA TRP B 33 -9.38 4.39 1.83
C TRP B 33 -10.74 4.19 1.16
N MET B 34 -11.05 5.10 0.23
CA MET B 34 -12.11 4.91 -0.75
C MET B 34 -11.50 4.65 -2.11
N HIS B 35 -11.83 3.52 -2.69
CA HIS B 35 -11.45 3.18 -4.06
C HIS B 35 -12.61 3.45 -4.99
N TRP B 36 -12.28 3.70 -6.26
CA TRP B 36 -13.26 3.84 -7.33
C TRP B 36 -12.88 2.89 -8.45
N VAL B 37 -13.87 2.24 -9.03
CA VAL B 37 -13.63 1.22 -10.03
C VAL B 37 -14.70 1.31 -11.11
N LYS B 38 -14.26 1.24 -12.37
CA LYS B 38 -15.11 1.26 -13.54
C LYS B 38 -15.51 -0.15 -13.93
N GLN B 39 -16.72 -0.28 -14.46
CA GLN B 39 -17.15 -1.52 -15.11
C GLN B 39 -17.96 -1.16 -16.33
N ARG B 40 -17.44 -1.48 -17.51
CA ARG B 40 -18.22 -1.40 -18.73
C ARG B 40 -19.30 -2.48 -18.73
N PRO B 41 -20.41 -2.25 -19.42
CA PRO B 41 -21.54 -3.18 -19.33
C PRO B 41 -21.21 -4.57 -19.84
N GLY B 42 -21.13 -5.53 -18.90
CA GLY B 42 -20.81 -6.90 -19.19
C GLY B 42 -19.34 -7.22 -19.38
N GLN B 43 -18.43 -6.28 -19.12
CA GLN B 43 -17.01 -6.46 -19.47
C GLN B 43 -16.11 -6.05 -18.30
N GLY B 44 -15.59 -7.03 -17.59
CA GLY B 44 -14.45 -6.87 -16.72
C GLY B 44 -14.65 -5.95 -15.51
N LEU B 45 -13.51 -5.53 -14.97
CA LEU B 45 -13.41 -4.48 -13.98
C LEU B 45 -12.17 -3.65 -14.29
N GLU B 46 -12.23 -2.36 -13.97
CA GLU B 46 -11.16 -1.43 -14.33
C GLU B 46 -10.98 -0.44 -13.18
N TRP B 47 -9.94 -0.69 -12.39
CA TRP B 47 -9.67 0.12 -11.21
C TRP B 47 -9.30 1.54 -11.62
N ILE B 48 -9.88 2.53 -10.95
CA ILE B 48 -9.62 3.92 -11.31
C ILE B 48 -8.50 4.50 -10.44
N GLY B 49 -8.57 4.28 -9.14
CA GLY B 49 -7.67 4.94 -8.22
C GLY B 49 -8.20 4.84 -6.80
N TYR B 50 -7.57 5.60 -5.93
CA TYR B 50 -7.96 5.70 -4.52
C TYR B 50 -7.88 7.14 -4.06
N ILE B 51 -8.54 7.42 -2.94
CA ILE B 51 -8.28 8.62 -2.15
C ILE B 51 -8.10 8.22 -0.69
N ASN B 52 -7.13 8.85 -0.01
CA ASN B 52 -7.00 8.72 1.43
C ASN B 52 -7.65 9.92 2.08
N PRO B 53 -8.86 9.81 2.64
CA PRO B 53 -9.47 10.95 3.33
C PRO B 53 -8.61 11.53 4.43
N SER B 54 -7.81 10.70 5.10
CA SER B 54 -6.94 11.19 6.17
C SER B 54 -5.98 12.26 5.65
N THR B 55 -5.45 12.06 4.45
CA THR B 55 -4.40 12.91 3.91
C THR B 55 -4.85 13.66 2.66
N ASP B 56 -6.08 13.46 2.19
CA ASP B 56 -6.59 14.10 0.98
C ASP B 56 -5.71 13.81 -0.23
N SER B 57 -5.13 12.62 -0.28
CA SER B 57 -4.15 12.27 -1.29
C SER B 57 -4.65 11.10 -2.11
N THR B 58 -4.25 11.06 -3.37
CA THR B 58 -4.86 10.19 -4.36
C THR B 58 -3.77 9.59 -5.22
N ASP B 59 -4.05 8.41 -5.77
CA ASP B 59 -3.32 7.92 -6.93
C ASP B 59 -4.31 7.28 -7.91
N TYR B 60 -3.90 7.23 -9.17
CA TYR B 60 -4.79 6.82 -10.24
C TYR B 60 -4.11 5.77 -11.09
N ASN B 61 -4.93 4.85 -11.59
CA ASN B 61 -4.55 4.09 -12.78
C ASN B 61 -4.15 5.07 -13.88
N GLN B 62 -3.04 4.77 -14.55
CA GLN B 62 -2.48 5.69 -15.53
C GLN B 62 -3.40 5.93 -16.71
N ASN B 63 -4.40 5.07 -16.92
CA ASN B 63 -5.44 5.34 -17.91
C ASN B 63 -6.43 6.42 -17.47
N PHE B 64 -6.39 6.84 -16.21
CA PHE B 64 -7.36 7.79 -15.66
C PHE B 64 -6.74 9.07 -15.13
N LYS B 65 -5.42 9.16 -15.06
CA LYS B 65 -4.77 10.27 -14.37
C LYS B 65 -5.16 11.63 -14.94
N ASP B 66 -5.70 11.69 -16.14
CA ASP B 66 -6.26 12.94 -16.66
C ASP B 66 -7.76 12.89 -16.85
N LYS B 67 -8.39 11.73 -16.73
CA LYS B 67 -9.84 11.61 -16.79
C LYS B 67 -10.49 11.95 -15.45
N ALA B 68 -10.05 11.29 -14.39
CA ALA B 68 -10.68 11.38 -13.08
C ALA B 68 -10.07 12.47 -12.21
N THR B 69 -10.81 12.83 -11.16
CA THR B 69 -10.31 13.64 -10.05
C THR B 69 -11.15 13.25 -8.84
N MET B 70 -10.53 12.56 -7.87
CA MET B 70 -11.17 12.21 -6.63
C MET B 70 -10.97 13.27 -5.54
N THR B 71 -11.99 13.41 -4.71
CA THR B 71 -11.98 14.29 -3.55
C THR B 71 -12.84 13.66 -2.47
N VAL B 72 -12.71 14.16 -1.24
CA VAL B 72 -13.61 13.79 -0.16
C VAL B 72 -14.01 15.04 0.61
N ASP B 73 -15.15 14.94 1.26
CA ASP B 73 -15.56 15.85 2.33
C ASP B 73 -15.55 15.07 3.64
N LYS B 74 -14.60 15.41 4.51
CA LYS B 74 -14.56 14.78 5.82
C LYS B 74 -15.68 15.27 6.74
N SER B 75 -16.20 16.47 6.50
CA SER B 75 -17.30 16.98 7.32
C SER B 75 -18.61 16.26 7.06
N SER B 76 -18.74 15.57 5.92
CA SER B 76 -19.98 14.86 5.61
C SER B 76 -19.70 13.50 4.98
N THR B 77 -18.52 12.92 5.27
CA THR B 77 -18.16 11.57 4.87
C THR B 77 -18.58 11.21 3.45
N THR B 78 -18.40 12.14 2.50
CA THR B 78 -18.83 11.94 1.13
C THR B 78 -17.58 11.90 0.26
N ALA B 79 -17.36 10.78 -0.42
CA ALA B 79 -16.37 10.71 -1.49
C ALA B 79 -16.98 11.13 -2.82
N TYR B 80 -16.15 11.62 -3.72
CA TYR B 80 -16.57 11.99 -5.05
C TYR B 80 -15.56 11.47 -6.07
N MET B 81 -16.04 11.28 -7.29
CA MET B 81 -15.20 11.21 -8.48
C MET B 81 -15.79 12.15 -9.51
N GLN B 82 -14.93 12.99 -10.09
CA GLN B 82 -15.29 13.83 -11.24
C GLN B 82 -14.67 13.25 -12.50
N LEU B 83 -15.47 13.13 -13.55
CA LEU B 83 -15.01 12.66 -14.84
C LEU B 83 -14.95 13.83 -15.81
N SER B 84 -13.79 14.03 -16.42
CA SER B 84 -13.54 15.18 -17.28
C SER B 84 -13.78 14.84 -18.74
N THR B 85 -14.31 15.83 -19.47
CA THR B 85 -14.55 15.78 -20.91
C THR B 85 -14.99 14.38 -21.34
N ILE B 86 -16.05 13.90 -20.71
CA ILE B 86 -16.42 12.49 -20.85
C ILE B 86 -16.96 12.23 -22.25
N THR B 87 -16.75 11.00 -22.72
CA THR B 87 -17.07 10.57 -24.07
C THR B 87 -17.73 9.20 -24.00
N SER B 88 -18.34 8.80 -25.12
CA SER B 88 -19.19 7.61 -25.12
C SER B 88 -18.43 6.39 -24.62
N GLU B 89 -17.13 6.35 -24.82
CA GLU B 89 -16.30 5.27 -24.28
C GLU B 89 -16.27 5.26 -22.76
N ASP B 90 -16.65 6.36 -22.12
CA ASP B 90 -16.72 6.45 -20.67
C ASP B 90 -18.02 5.90 -20.07
N SER B 91 -18.98 5.49 -20.89
CA SER B 91 -20.24 4.95 -20.41
C SER B 91 -20.01 3.64 -19.66
N ALA B 92 -20.28 3.63 -18.36
CA ALA B 92 -19.99 2.48 -17.52
C ALA B 92 -20.75 2.61 -16.21
N VAL B 93 -20.79 1.52 -15.45
CA VAL B 93 -21.07 1.58 -14.02
C VAL B 93 -19.78 1.93 -13.28
N TYR B 94 -19.89 2.86 -12.33
CA TYR B 94 -18.77 3.26 -11.49
C TYR B 94 -19.09 2.97 -10.02
N PHE B 95 -18.32 2.08 -9.41
CA PHE B 95 -18.49 1.71 -8.01
C PHE B 95 -17.45 2.41 -7.15
N CYS B 96 -17.86 2.85 -5.97
CA CYS B 96 -16.94 3.15 -4.89
C CYS B 96 -16.89 1.97 -3.91
N ALA B 97 -15.71 1.67 -3.40
CA ALA B 97 -15.53 0.61 -2.43
C ALA B 97 -14.55 1.02 -1.34
N ARG B 98 -14.76 0.49 -0.16
CA ARG B 98 -13.89 0.69 0.99
C ARG B 98 -12.73 -0.29 0.96
N SER B 99 -11.59 0.12 1.50
CA SER B 99 -10.61 -0.83 1.99
C SER B 99 -9.93 -0.30 3.24
N HIS B 100 -9.54 -1.22 4.13
CA HIS B 100 -8.73 -0.82 5.28
C HIS B 100 -7.40 -0.33 4.72
N TYR B 101 -7.02 0.90 5.03
CA TYR B 101 -6.01 1.56 4.21
C TYR B 101 -4.61 0.96 4.32
N LEU B 102 -4.39 -0.14 5.05
CA LEU B 102 -3.20 -0.96 4.81
C LEU B 102 -3.41 -2.07 3.80
N SER B 103 -4.60 -2.66 3.75
CA SER B 103 -4.85 -3.85 2.94
C SER B 103 -5.88 -3.52 1.87
N TRP B 104 -5.53 -3.80 0.61
CA TRP B 104 -6.30 -3.32 -0.53
C TRP B 104 -7.35 -4.32 -1.01
N ASP B 105 -7.90 -5.13 -0.11
CA ASP B 105 -9.13 -5.86 -0.38
C ASP B 105 -10.34 -4.93 -0.26
N PHE B 106 -11.22 -4.96 -1.26
CA PHE B 106 -12.39 -4.07 -1.33
C PHE B 106 -13.53 -4.67 -0.50
N ASP B 107 -13.58 -4.22 0.76
CA ASP B 107 -14.38 -4.88 1.78
C ASP B 107 -15.88 -4.70 1.56
N VAL B 108 -16.31 -3.47 1.28
CA VAL B 108 -17.71 -3.15 1.04
C VAL B 108 -17.83 -2.15 -0.09
N TRP B 109 -18.89 -2.28 -0.89
CA TRP B 109 -19.07 -1.58 -2.14
C TRP B 109 -20.36 -0.76 -2.16
N GLY B 110 -20.32 0.37 -2.86
CA GLY B 110 -21.54 1.05 -3.23
C GLY B 110 -22.26 0.34 -4.37
N ALA B 111 -23.54 0.69 -4.55
CA ALA B 111 -24.36 0.04 -5.57
C ALA B 111 -23.91 0.33 -7.00
N GLY B 112 -23.05 1.32 -7.21
CA GLY B 112 -22.67 1.76 -8.54
C GLY B 112 -23.56 2.86 -9.09
N THR B 113 -22.96 3.83 -9.78
CA THR B 113 -23.68 4.84 -10.55
C THR B 113 -23.47 4.59 -12.04
N THR B 114 -24.55 4.36 -12.77
CA THR B 114 -24.46 4.31 -14.22
C THR B 114 -24.28 5.71 -14.78
N VAL B 115 -23.26 5.89 -15.61
CA VAL B 115 -23.12 7.06 -16.46
C VAL B 115 -23.33 6.61 -17.88
N THR B 116 -24.33 7.19 -18.56
CA THR B 116 -24.56 6.95 -19.97
C THR B 116 -24.24 8.25 -20.70
N VAL B 117 -23.20 8.21 -21.53
CA VAL B 117 -22.70 9.43 -22.14
C VAL B 117 -23.43 9.67 -23.46
N ASP C 1 2.31 -3.02 -15.32
CA ASP C 1 1.55 -3.49 -14.14
C ASP C 1 1.31 -4.99 -14.22
N ILE C 2 0.88 -5.57 -13.10
CA ILE C 2 0.55 -6.99 -13.05
C ILE C 2 -0.67 -7.22 -13.94
N VAL C 3 -0.51 -8.07 -14.95
CA VAL C 3 -1.66 -8.72 -15.58
C VAL C 3 -2.10 -9.90 -14.73
N LEU C 4 -3.40 -10.04 -14.53
CA LEU C 4 -4.01 -11.29 -14.11
C LEU C 4 -4.83 -11.85 -15.25
N THR C 5 -4.47 -13.04 -15.72
CA THR C 5 -5.21 -13.73 -16.76
C THR C 5 -5.99 -14.87 -16.13
N GLN C 6 -7.29 -14.92 -16.44
CA GLN C 6 -8.26 -15.69 -15.67
C GLN C 6 -8.97 -16.67 -16.59
N SER C 7 -9.18 -17.89 -16.10
CA SER C 7 -9.66 -18.98 -16.92
C SER C 7 -10.60 -19.89 -16.13
N PRO C 8 -11.55 -20.55 -16.82
CA PRO C 8 -12.02 -20.28 -18.17
C PRO C 8 -12.87 -19.00 -18.23
N ALA C 9 -13.24 -18.55 -19.42
CA ALA C 9 -14.11 -17.37 -19.55
C ALA C 9 -15.51 -17.61 -18.99
N SER C 10 -16.03 -18.83 -19.11
CA SER C 10 -17.25 -19.22 -18.41
C SER C 10 -17.26 -20.72 -18.17
N LEU C 11 -18.10 -21.14 -17.23
CA LEU C 11 -18.04 -22.48 -16.66
C LEU C 11 -19.44 -23.01 -16.41
N ALA C 12 -19.75 -24.15 -17.01
CA ALA C 12 -21.07 -24.76 -16.91
C ALA C 12 -20.99 -25.90 -15.90
N VAL C 13 -21.76 -25.80 -14.84
CA VAL C 13 -21.64 -26.72 -13.73
C VAL C 13 -23.03 -27.16 -13.27
N SER C 14 -23.17 -28.45 -13.00
CA SER C 14 -24.36 -28.93 -12.37
C SER C 14 -24.37 -28.52 -10.92
N LEU C 15 -25.56 -28.29 -10.39
CA LEU C 15 -25.68 -28.19 -8.95
C LEU C 15 -25.14 -29.44 -8.27
N GLY C 16 -24.42 -29.23 -7.19
CA GLY C 16 -23.87 -30.31 -6.40
C GLY C 16 -22.48 -30.72 -6.77
N GLN C 17 -21.94 -30.18 -7.86
CA GLN C 17 -20.61 -30.56 -8.33
C GLN C 17 -19.58 -29.57 -7.79
N ARG C 18 -18.44 -29.46 -8.47
CA ARG C 18 -17.38 -28.56 -8.09
C ARG C 18 -17.08 -27.64 -9.25
N ALA C 19 -17.09 -26.34 -8.99
CA ALA C 19 -16.55 -25.34 -9.92
C ALA C 19 -15.14 -24.97 -9.49
N THR C 20 -14.19 -25.03 -10.42
CA THR C 20 -12.82 -24.60 -10.19
C THR C 20 -12.43 -23.51 -11.19
N ILE C 21 -12.13 -22.32 -10.67
CA ILE C 21 -11.80 -21.15 -11.45
C ILE C 21 -10.34 -20.81 -11.16
N SER C 22 -9.56 -20.51 -12.19
CA SER C 22 -8.14 -20.25 -12.04
C SER C 22 -7.78 -18.83 -12.46
N CYS C 23 -6.74 -18.30 -11.81
CA CYS C 23 -6.19 -16.98 -12.09
C CYS C 23 -4.68 -17.13 -12.15
N ARG C 24 -4.05 -16.64 -13.22
CA ARG C 24 -2.60 -16.58 -13.33
C ARG C 24 -2.15 -15.12 -13.23
N ALA C 25 -1.31 -14.83 -12.26
CA ALA C 25 -0.56 -13.58 -12.23
C ALA C 25 0.63 -13.64 -13.18
N SER C 26 1.04 -12.48 -13.68
CA SER C 26 2.25 -12.36 -14.48
C SER C 26 3.50 -12.29 -13.61
N GLN C 27 3.31 -12.20 -12.30
CA GLN C 27 4.40 -12.11 -11.34
C GLN C 27 4.04 -12.98 -10.14
N SER C 28 5.05 -13.37 -9.39
CA SER C 28 4.77 -13.90 -8.06
C SER C 28 4.16 -12.80 -7.21
N VAL C 29 3.07 -13.13 -6.52
CA VAL C 29 2.44 -12.21 -5.59
C VAL C 29 2.34 -12.82 -4.20
N SER C 30 3.20 -13.79 -3.90
CA SER C 30 3.40 -14.32 -2.56
C SER C 30 4.69 -13.79 -1.96
N THR C 31 4.63 -13.37 -0.70
CA THR C 31 5.81 -13.08 0.11
C THR C 31 5.51 -13.43 1.55
N SER C 32 6.53 -13.97 2.23
CA SER C 32 6.45 -14.26 3.66
C SER C 32 5.25 -15.15 3.99
N GLY C 33 4.83 -15.97 3.03
CA GLY C 33 3.71 -16.87 3.20
C GLY C 33 2.34 -16.31 2.94
N TYR C 34 2.19 -15.00 2.81
CA TYR C 34 0.95 -14.40 2.35
C TYR C 34 0.97 -14.23 0.85
N SER C 35 -0.21 -14.14 0.24
CA SER C 35 -0.30 -13.93 -1.20
C SER C 35 -1.46 -13.00 -1.52
N TYR C 36 -1.13 -11.90 -2.21
CA TYR C 36 -1.97 -10.71 -2.32
C TYR C 36 -3.02 -10.86 -3.42
N ILE C 37 -3.82 -11.92 -3.33
CA ILE C 37 -4.86 -12.19 -4.31
C ILE C 37 -6.21 -12.23 -3.61
N HIS C 38 -7.22 -11.63 -4.25
CA HIS C 38 -8.56 -11.52 -3.71
C HIS C 38 -9.57 -11.98 -4.75
N TRP C 39 -10.63 -12.64 -4.30
CA TRP C 39 -11.69 -13.14 -5.16
C TRP C 39 -13.02 -12.49 -4.81
N TYR C 40 -13.73 -12.02 -5.83
CA TYR C 40 -15.03 -11.37 -5.68
C TYR C 40 -16.09 -12.16 -6.44
N GLN C 41 -17.32 -12.08 -5.92
CA GLN C 41 -18.51 -12.52 -6.62
C GLN C 41 -19.38 -11.31 -6.93
N GLN C 42 -19.76 -11.15 -8.19
CA GLN C 42 -20.77 -10.18 -8.58
C GLN C 42 -21.94 -10.91 -9.22
N LYS C 43 -23.11 -10.72 -8.67
CA LYS C 43 -24.35 -11.10 -9.35
C LYS C 43 -24.78 -9.99 -10.29
N PRO C 44 -25.35 -10.31 -11.45
CA PRO C 44 -25.85 -9.26 -12.35
C PRO C 44 -26.78 -8.30 -11.64
N GLY C 45 -26.52 -7.00 -11.82
CA GLY C 45 -27.28 -5.96 -11.18
C GLY C 45 -26.89 -5.63 -9.76
N HIS C 46 -25.86 -6.28 -9.22
CA HIS C 46 -25.35 -6.05 -7.89
C HIS C 46 -23.88 -5.68 -7.94
N PRO C 47 -23.36 -5.02 -6.91
CA PRO C 47 -21.92 -4.80 -6.81
C PRO C 47 -21.21 -6.07 -6.38
N PRO C 48 -19.92 -6.21 -6.73
CA PRO C 48 -19.17 -7.38 -6.26
C PRO C 48 -19.20 -7.58 -4.76
N LYS C 49 -19.18 -8.84 -4.36
CA LYS C 49 -19.03 -9.25 -2.98
C LYS C 49 -17.68 -9.92 -2.81
N LEU C 50 -16.90 -9.48 -1.83
CA LEU C 50 -15.66 -10.16 -1.52
C LEU C 50 -15.94 -11.56 -0.99
N LEU C 51 -15.33 -12.57 -1.61
CA LEU C 51 -15.41 -13.95 -1.18
C LEU C 51 -14.19 -14.37 -0.37
N ILE C 52 -13.01 -14.23 -0.97
CA ILE C 52 -11.76 -14.76 -0.45
C ILE C 52 -10.74 -13.63 -0.50
N LYS C 53 -10.03 -13.42 0.59
CA LYS C 53 -8.93 -12.47 0.61
C LYS C 53 -7.61 -13.19 0.85
N TYR C 54 -6.56 -12.66 0.22
CA TYR C 54 -5.22 -13.23 0.28
C TYR C 54 -5.22 -14.71 -0.12
N ALA C 55 -5.73 -14.94 -1.34
CA ALA C 55 -5.87 -16.24 -1.98
C ALA C 55 -6.71 -17.29 -1.27
N SER C 56 -6.78 -17.29 0.06
CA SER C 56 -7.42 -18.41 0.72
C SER C 56 -8.20 -18.06 1.99
N ASN C 57 -8.11 -16.82 2.48
CA ASN C 57 -8.87 -16.44 3.67
C ASN C 57 -10.32 -16.22 3.32
N LEU C 58 -11.18 -17.11 3.81
CA LEU C 58 -12.61 -17.05 3.55
C LEU C 58 -13.24 -15.91 4.34
N ASP C 59 -13.86 -14.96 3.64
CA ASP C 59 -14.42 -13.80 4.31
C ASP C 59 -15.59 -14.18 5.19
N SER C 60 -15.86 -13.34 6.19
CA SER C 60 -16.97 -13.57 7.09
C SER C 60 -18.28 -13.46 6.34
N GLY C 61 -19.22 -14.35 6.67
CA GLY C 61 -20.47 -14.41 5.95
C GLY C 61 -20.40 -15.16 4.63
N VAL C 62 -19.31 -15.85 4.36
CA VAL C 62 -19.17 -16.63 3.13
C VAL C 62 -19.36 -18.12 3.46
N PRO C 63 -20.09 -18.89 2.65
CA PRO C 63 -20.22 -20.33 2.91
C PRO C 63 -18.90 -21.07 2.77
N ALA C 64 -18.79 -22.17 3.50
CA ALA C 64 -17.61 -23.03 3.45
C ALA C 64 -17.36 -23.70 2.09
N ARG C 65 -18.36 -23.82 1.22
CA ARG C 65 -18.08 -24.37 -0.11
C ARG C 65 -17.14 -23.51 -0.92
N PHE C 66 -17.13 -22.21 -0.67
CA PHE C 66 -16.14 -21.35 -1.28
C PHE C 66 -14.81 -21.57 -0.56
N SER C 67 -13.78 -21.88 -1.34
CA SER C 67 -12.46 -22.11 -0.76
C SER C 67 -11.41 -21.75 -1.80
N GLY C 68 -10.66 -20.69 -1.55
CA GLY C 68 -9.57 -20.30 -2.41
C GLY C 68 -8.28 -21.05 -2.09
N SER C 69 -7.39 -21.11 -3.06
CA SER C 69 -6.11 -21.77 -2.87
C SER C 69 -5.10 -21.20 -3.86
N GLY C 70 -3.83 -21.54 -3.64
CA GLY C 70 -2.77 -21.28 -4.60
C GLY C 70 -1.59 -20.62 -3.96
N SER C 71 -0.57 -20.39 -4.79
CA SER C 71 0.58 -19.61 -4.38
C SER C 71 1.35 -19.19 -5.62
N GLY C 72 2.21 -18.20 -5.45
CA GLY C 72 3.10 -17.77 -6.50
C GLY C 72 2.37 -17.07 -7.62
N THR C 73 2.37 -17.67 -8.80
CA THR C 73 1.71 -17.12 -9.98
C THR C 73 0.35 -17.76 -10.27
N ASP C 74 -0.11 -18.70 -9.45
CA ASP C 74 -1.13 -19.65 -9.87
C ASP C 74 -2.10 -19.86 -8.72
N PHE C 75 -3.35 -19.45 -8.91
CA PHE C 75 -4.35 -19.38 -7.86
C PHE C 75 -5.66 -19.97 -8.37
N THR C 76 -6.48 -20.48 -7.46
CA THR C 76 -7.78 -21.00 -7.84
C THR C 76 -8.84 -20.65 -6.80
N LEU C 77 -10.08 -20.57 -7.27
CA LEU C 77 -11.27 -20.58 -6.43
C LEU C 77 -12.06 -21.85 -6.68
N ASN C 78 -12.31 -22.62 -5.63
CA ASN C 78 -13.22 -23.76 -5.70
C ASN C 78 -14.58 -23.39 -5.13
N ILE C 79 -15.63 -23.96 -5.72
CA ILE C 79 -16.99 -23.94 -5.17
C ILE C 79 -17.47 -25.38 -5.13
N HIS C 80 -17.73 -25.87 -3.94
CA HIS C 80 -18.17 -27.25 -3.76
C HIS C 80 -18.96 -27.52 -2.50
N PRO C 81 -20.14 -28.14 -2.59
CA PRO C 81 -20.95 -28.42 -3.78
C PRO C 81 -21.36 -27.13 -4.44
N VAL C 82 -21.20 -27.00 -5.75
CA VAL C 82 -21.69 -25.81 -6.43
C VAL C 82 -23.21 -25.79 -6.37
N GLU C 83 -23.75 -24.63 -6.03
CA GLU C 83 -25.12 -24.49 -5.59
C GLU C 83 -25.77 -23.39 -6.40
N GLU C 84 -27.10 -23.39 -6.44
CA GLU C 84 -27.81 -22.53 -7.38
C GLU C 84 -27.50 -21.06 -7.15
N GLU C 85 -27.28 -20.68 -5.89
CA GLU C 85 -26.87 -19.33 -5.51
C GLU C 85 -25.62 -18.87 -6.24
N ASP C 86 -24.77 -19.80 -6.65
CA ASP C 86 -23.45 -19.53 -7.17
C ASP C 86 -23.43 -19.22 -8.65
N ALA C 87 -24.59 -19.09 -9.30
CA ALA C 87 -24.69 -18.50 -10.62
C ALA C 87 -24.30 -17.03 -10.60
N ALA C 88 -23.03 -16.75 -10.91
CA ALA C 88 -22.44 -15.44 -10.70
C ALA C 88 -21.23 -15.30 -11.62
N THR C 89 -20.66 -14.10 -11.65
CA THR C 89 -19.36 -13.86 -12.27
C THR C 89 -18.30 -13.58 -11.21
N TYR C 90 -17.11 -14.14 -11.43
CA TYR C 90 -16.06 -14.19 -10.43
C TYR C 90 -14.80 -13.51 -10.95
N PHE C 91 -14.14 -12.74 -10.08
CA PHE C 91 -12.95 -11.99 -10.44
C PHE C 91 -11.86 -12.25 -9.42
N CYS C 92 -10.64 -12.43 -9.89
CA CYS C 92 -9.48 -12.24 -9.03
C CYS C 92 -8.99 -10.80 -9.07
N GLN C 93 -8.35 -10.38 -7.98
CA GLN C 93 -7.68 -9.09 -7.89
C GLN C 93 -6.38 -9.27 -7.12
N HIS C 94 -5.39 -8.44 -7.44
CA HIS C 94 -4.17 -8.35 -6.64
C HIS C 94 -4.12 -7.09 -5.78
N SER C 95 -3.33 -7.16 -4.71
CA SER C 95 -3.02 -6.04 -3.82
C SER C 95 -1.52 -5.75 -3.75
N TRP C 96 -0.76 -6.20 -4.74
CA TRP C 96 0.70 -6.25 -4.62
C TRP C 96 1.31 -4.86 -4.75
N GLU C 97 0.82 -4.07 -5.68
CA GLU C 97 1.39 -2.78 -6.02
C GLU C 97 0.24 -1.86 -6.42
N LEU C 98 0.58 -0.65 -6.80
CA LEU C 98 -0.32 0.14 -7.64
C LEU C 98 0.19 0.21 -9.07
N PRO C 99 -0.70 0.08 -10.07
CA PRO C 99 -2.16 0.02 -9.97
C PRO C 99 -2.74 -1.34 -9.60
N LEU C 100 -3.84 -1.36 -8.87
CA LEU C 100 -4.62 -2.57 -8.68
C LEU C 100 -5.29 -2.99 -9.99
N THR C 101 -5.28 -4.28 -10.27
CA THR C 101 -5.90 -4.80 -11.48
C THR C 101 -6.78 -5.99 -11.15
N PHE C 102 -7.75 -6.22 -12.03
CA PHE C 102 -8.71 -7.30 -11.93
C PHE C 102 -8.49 -8.26 -13.08
N GLY C 103 -8.82 -9.53 -12.87
CA GLY C 103 -8.93 -10.46 -13.97
C GLY C 103 -10.09 -10.14 -14.88
N ALA C 104 -10.05 -10.69 -16.10
CA ALA C 104 -11.15 -10.48 -17.02
C ALA C 104 -12.46 -11.04 -16.48
N GLY C 105 -12.39 -11.85 -15.44
CA GLY C 105 -13.56 -12.51 -14.88
C GLY C 105 -13.83 -13.87 -15.48
N THR C 106 -14.71 -14.61 -14.81
CA THR C 106 -15.32 -15.81 -15.34
C THR C 106 -16.78 -15.79 -14.93
N LYS C 107 -17.65 -16.28 -15.80
CA LYS C 107 -19.07 -16.41 -15.48
C LYS C 107 -19.42 -17.87 -15.25
N LEU C 108 -20.02 -18.14 -14.11
CA LEU C 108 -20.43 -19.47 -13.71
C LEU C 108 -21.91 -19.68 -14.03
N GLU C 109 -22.19 -20.73 -14.79
CA GLU C 109 -23.49 -20.97 -15.40
C GLU C 109 -23.92 -22.37 -15.03
N ILE C 110 -25.19 -22.54 -14.64
CA ILE C 110 -25.62 -23.85 -14.19
C ILE C 110 -25.84 -24.71 -15.41
#